data_4DOW
#
_entry.id   4DOW
#
_cell.length_a   35.125
_cell.length_b   49.434
_cell.length_c   54.376
_cell.angle_alpha   89.93
_cell.angle_beta   102.12
_cell.angle_gamma   103.25
#
_symmetry.space_group_name_H-M   'P 1'
#
loop_
_entity.id
_entity.type
_entity.pdbx_description
1 polymer 'Origin recognition complex subunit 1'
2 polymer 'Histone H4'
3 water water
#
loop_
_entity_poly.entity_id
_entity_poly.type
_entity_poly.pdbx_seq_one_letter_code
_entity_poly.pdbx_strand_id
1 'polypeptide(L)'
;SKTRQTFSWVGRPLPNRKQFQQMYREICMKINDGSEIHIKVGQFVLIQGEDNKKPYVAKLIELFQNGAEVPPKKCARVQW
FVRFLEIPVSKRHLLGRSPPAQEIFWYDCSDWDNKINVETIIGPVQVVALAPEEVIPVDQKSEETLFVKLSWNKKDFAPL
PPE
;
A,B
2 'polypeptide(L)' GAKRHR(MLY)VLRDN C,D
#
# COMPACT_ATOMS: atom_id res chain seq x y z
N THR A 6 1.06 -23.19 8.28
CA THR A 6 2.37 -23.15 7.65
C THR A 6 2.43 -22.09 6.55
N PHE A 7 3.65 -21.65 6.23
CA PHE A 7 3.86 -20.47 5.42
C PHE A 7 4.71 -20.74 4.20
N SER A 8 4.45 -20.01 3.14
CA SER A 8 5.26 -20.13 1.91
C SER A 8 5.38 -18.78 1.23
N TRP A 9 6.52 -18.50 0.62
CA TRP A 9 6.62 -17.24 -0.08
C TRP A 9 5.76 -17.30 -1.32
N VAL A 10 5.34 -16.12 -1.77
CA VAL A 10 4.59 -15.99 -3.01
C VAL A 10 5.49 -15.33 -4.06
N GLY A 11 5.86 -16.10 -5.07
CA GLY A 11 6.49 -15.53 -6.24
C GLY A 11 7.94 -15.16 -6.02
N ARG A 12 8.42 -14.19 -6.79
CA ARG A 12 9.82 -13.82 -6.77
C ARG A 12 10.13 -12.84 -5.64
N PRO A 13 11.37 -12.86 -5.14
CA PRO A 13 11.83 -11.89 -4.15
C PRO A 13 11.91 -10.49 -4.75
N LEU A 14 11.81 -9.50 -3.87
CA LEU A 14 12.00 -8.10 -4.24
C LEU A 14 13.47 -7.83 -4.59
N PRO A 15 13.74 -6.73 -5.31
CA PRO A 15 15.14 -6.50 -5.66
C PRO A 15 16.04 -6.43 -4.41
N ASN A 16 17.14 -7.18 -4.43
CA ASN A 16 17.95 -7.40 -3.23
C ASN A 16 18.44 -6.11 -2.56
N ARG A 17 18.39 -6.12 -1.23
CA ARG A 17 18.73 -4.99 -0.38
C ARG A 17 19.80 -5.36 0.64
N LYS A 18 19.51 -6.38 1.44
CA LYS A 18 20.44 -6.80 2.45
C LYS A 18 21.11 -8.12 2.10
N GLN A 19 22.35 -8.27 2.51
CA GLN A 19 23.03 -9.49 2.17
C GLN A 19 22.56 -10.61 3.07
N PHE A 20 22.42 -11.80 2.49
CA PHE A 20 22.04 -12.99 3.26
C PHE A 20 20.53 -13.04 3.48
N GLN A 21 19.82 -12.03 2.98
CA GLN A 21 18.37 -11.99 3.10
C GLN A 21 17.71 -11.87 1.74
N GLN A 22 16.56 -12.51 1.57
CA GLN A 22 15.75 -12.29 0.40
C GLN A 22 14.42 -11.68 0.87
N MET A 23 14.03 -10.54 0.33
CA MET A 23 12.78 -9.87 0.75
C MET A 23 11.62 -10.21 -0.14
N TYR A 24 10.43 -10.34 0.45
CA TYR A 24 9.18 -10.58 -0.31
C TYR A 24 8.18 -9.52 0.03
N ARG A 25 7.28 -9.31 -0.90
CA ARG A 25 6.16 -8.41 -0.73
C ARG A 25 5.08 -9.12 0.06
N GLU A 26 5.04 -10.45 -0.08
CA GLU A 26 3.86 -11.19 0.33
C GLU A 26 4.22 -12.52 0.91
N ILE A 27 3.40 -13.01 1.82
CA ILE A 27 3.57 -14.36 2.32
C ILE A 27 2.22 -15.06 2.30
N CYS A 28 2.24 -16.36 2.04
CA CYS A 28 1.03 -17.17 2.01
C CYS A 28 0.92 -18.00 3.28
N MET A 29 -0.23 -17.93 3.94
CA MET A 29 -0.47 -18.66 5.17
C MET A 29 -1.65 -19.62 5.01
N LYS A 30 -1.40 -20.90 5.28
CA LYS A 30 -2.46 -21.92 5.21
C LYS A 30 -3.02 -22.22 6.61
N ILE A 31 -4.35 -22.21 6.74
CA ILE A 31 -5.02 -22.55 8.00
C ILE A 31 -5.38 -24.04 8.06
N ASN A 32 -5.98 -24.46 9.18
CA ASN A 32 -6.55 -25.80 9.30
C ASN A 32 -8.05 -25.77 8.98
N ASP A 33 -8.52 -24.58 8.57
CA ASP A 33 -9.79 -24.43 7.85
C ASP A 33 -9.47 -24.74 6.37
N GLY A 34 -8.19 -25.03 6.12
CA GLY A 34 -7.74 -25.53 4.85
C GLY A 34 -7.37 -24.49 3.82
N SER A 35 -7.83 -23.25 4.01
CA SER A 35 -7.63 -22.25 2.96
C SER A 35 -6.32 -21.48 3.05
N GLU A 36 -6.09 -20.63 2.05
CA GLU A 36 -4.84 -19.90 1.91
C GLU A 36 -5.12 -18.41 2.01
N ILE A 37 -4.32 -17.72 2.81
CA ILE A 37 -4.50 -16.29 3.01
C ILE A 37 -3.19 -15.59 2.69
N HIS A 38 -3.24 -14.55 1.86
CA HIS A 38 -2.04 -13.76 1.64
C HIS A 38 -1.93 -12.61 2.64
N ILE A 39 -0.77 -12.49 3.25
CA ILE A 39 -0.44 -11.34 4.08
C ILE A 39 0.67 -10.52 3.43
N LYS A 40 0.44 -9.22 3.28
CA LYS A 40 1.39 -8.37 2.57
C LYS A 40 2.11 -7.41 3.50
N VAL A 41 3.33 -7.04 3.11
CA VAL A 41 4.00 -5.89 3.69
C VAL A 41 3.03 -4.69 3.68
N GLY A 42 2.85 -4.06 4.85
CA GLY A 42 1.98 -2.90 4.97
C GLY A 42 0.70 -3.29 5.65
N GLN A 43 0.45 -4.59 5.77
CA GLN A 43 -0.78 -5.06 6.44
C GLN A 43 -0.39 -5.34 7.87
N PHE A 44 -1.36 -5.72 8.71
CA PHE A 44 -1.11 -5.82 10.14
C PHE A 44 -1.35 -7.24 10.56
N VAL A 45 -0.63 -7.70 11.58
CA VAL A 45 -0.84 -9.05 12.05
C VAL A 45 -1.00 -9.06 13.55
N LEU A 46 -1.70 -10.08 14.02
CA LEU A 46 -1.68 -10.45 15.42
C LEU A 46 -0.54 -11.43 15.64
N ILE A 47 0.25 -11.19 16.68
CA ILE A 47 1.46 -11.97 16.88
C ILE A 47 1.34 -12.65 18.22
N GLN A 48 1.53 -13.97 18.27
CA GLN A 48 1.34 -14.70 19.51
C GLN A 48 2.31 -14.27 20.59
N GLY A 49 1.77 -13.84 21.74
CA GLY A 49 2.55 -13.48 22.89
C GLY A 49 2.36 -14.57 23.93
N GLU A 50 2.44 -14.21 25.20
CA GLU A 50 2.22 -15.18 26.26
C GLU A 50 0.79 -15.71 26.17
N ASP A 51 0.57 -16.91 26.70
CA ASP A 51 -0.71 -17.58 26.51
C ASP A 51 -1.86 -16.89 27.25
N ASN A 52 -1.54 -16.13 28.30
CA ASN A 52 -2.56 -15.47 29.14
C ASN A 52 -2.89 -14.03 28.72
N LYS A 53 -2.39 -13.61 27.55
CA LYS A 53 -2.44 -12.21 27.14
C LYS A 53 -2.98 -12.08 25.72
N LYS A 54 -3.46 -10.88 25.34
CA LYS A 54 -3.89 -10.67 23.95
C LYS A 54 -2.67 -10.63 23.00
N PRO A 55 -2.85 -11.06 21.74
CA PRO A 55 -1.73 -10.98 20.79
C PRO A 55 -1.15 -9.57 20.69
N TYR A 56 0.14 -9.52 20.42
CA TYR A 56 0.77 -8.26 20.03
C TYR A 56 0.20 -7.87 18.71
N VAL A 57 0.25 -6.59 18.38
CA VAL A 57 -0.25 -6.13 17.09
C VAL A 57 0.93 -5.43 16.44
N ALA A 58 1.13 -5.69 15.15
CA ALA A 58 2.26 -5.11 14.48
C ALA A 58 1.91 -4.84 13.02
N LYS A 59 2.50 -3.77 12.49
CA LYS A 59 2.43 -3.56 11.04
C LYS A 59 3.61 -4.26 10.38
N LEU A 60 3.40 -4.98 9.27
CA LEU A 60 4.52 -5.68 8.63
C LEU A 60 5.25 -4.66 7.82
N ILE A 61 6.51 -4.41 8.13
CA ILE A 61 7.27 -3.50 7.29
C ILE A 61 8.27 -4.17 6.34
N GLU A 62 8.57 -5.45 6.61
CA GLU A 62 9.43 -6.23 5.75
C GLU A 62 9.09 -7.69 5.96
N LEU A 63 9.16 -8.47 4.89
CA LEU A 63 9.04 -9.94 4.98
C LEU A 63 10.29 -10.46 4.37
N PHE A 64 10.98 -11.40 5.04
CA PHE A 64 12.22 -11.87 4.46
C PHE A 64 12.64 -13.29 4.84
N GLN A 65 13.39 -13.91 3.95
CA GLN A 65 14.05 -15.19 4.22
C GLN A 65 15.41 -14.83 4.72
N ASN A 66 15.69 -15.17 5.99
CA ASN A 66 16.92 -14.80 6.65
C ASN A 66 17.96 -15.93 6.51
N GLY A 67 18.96 -15.71 5.67
CA GLY A 67 20.00 -16.69 5.40
C GLY A 67 21.07 -16.72 6.49
N ALA A 68 21.02 -15.74 7.39
CA ALA A 68 21.96 -15.64 8.53
C ALA A 68 21.51 -16.48 9.71
N GLU A 69 20.40 -17.17 9.58
CA GLU A 69 20.03 -18.17 10.56
C GLU A 69 20.21 -19.49 9.83
N VAL A 70 20.52 -20.55 10.55
CA VAL A 70 20.61 -21.86 9.94
C VAL A 70 19.95 -22.82 10.89
N PRO A 71 19.02 -23.64 10.38
CA PRO A 71 18.56 -23.51 9.00
C PRO A 71 17.83 -22.19 8.85
N PRO A 72 17.69 -21.74 7.62
CA PRO A 72 17.09 -20.43 7.36
C PRO A 72 15.61 -20.35 7.74
N LYS A 73 15.15 -19.14 8.03
CA LYS A 73 13.85 -18.97 8.63
C LYS A 73 13.16 -17.90 7.85
N LYS A 74 11.84 -17.96 7.83
CA LYS A 74 11.03 -16.87 7.28
C LYS A 74 10.80 -15.89 8.42
N CYS A 75 11.11 -14.62 8.16
CA CYS A 75 11.08 -13.56 9.18
C CYS A 75 10.27 -12.38 8.72
N ALA A 76 9.90 -11.54 9.67
CA ALA A 76 9.31 -10.25 9.39
C ALA A 76 10.01 -9.17 10.19
N ARG A 77 10.03 -7.95 9.69
CA ARG A 77 10.35 -6.83 10.55
C ARG A 77 9.04 -6.07 10.67
N VAL A 78 8.76 -5.55 11.85
CA VAL A 78 7.48 -4.94 12.09
C VAL A 78 7.64 -3.57 12.70
N GLN A 79 6.60 -2.76 12.55
CA GLN A 79 6.41 -1.60 13.40
C GLN A 79 5.48 -2.02 14.52
N TRP A 80 5.92 -1.96 15.77
CA TRP A 80 5.05 -2.36 16.86
C TRP A 80 3.96 -1.38 17.14
N PHE A 81 2.84 -1.92 17.61
CA PHE A 81 1.85 -1.18 18.32
C PHE A 81 1.83 -1.74 19.74
N VAL A 82 1.27 -0.98 20.65
CA VAL A 82 1.14 -1.49 22.01
C VAL A 82 -0.28 -1.31 22.42
N ARG A 83 -0.75 -2.29 23.17
CA ARG A 83 -2.03 -2.19 23.83
C ARG A 83 -1.98 -1.30 25.09
N PHE A 84 -3.12 -0.77 25.48
CA PHE A 84 -3.14 0.08 26.68
C PHE A 84 -2.46 -0.59 27.85
N LEU A 85 -2.73 -1.89 28.03
CA LEU A 85 -2.13 -2.59 29.21
C LEU A 85 -0.60 -2.77 29.11
N GLU A 86 -0.03 -2.52 27.94
CA GLU A 86 1.44 -2.54 27.78
C GLU A 86 2.06 -1.19 28.13
N ILE A 87 1.22 -0.18 28.34
CA ILE A 87 1.74 1.09 28.83
C ILE A 87 1.80 1.04 30.36
N PRO A 88 2.91 1.53 30.94
CA PRO A 88 3.05 1.49 32.41
C PRO A 88 1.83 2.09 33.09
N VAL A 89 1.32 1.43 34.13
CA VAL A 89 0.09 1.91 34.79
C VAL A 89 0.25 3.38 35.13
N SER A 90 1.44 3.73 35.62
CA SER A 90 1.68 5.09 36.11
C SER A 90 1.51 6.14 35.00
N LYS A 91 1.60 5.70 33.74
CA LYS A 91 1.57 6.62 32.61
C LYS A 91 0.24 6.63 31.89
N ARG A 92 -0.63 5.71 32.27
CA ARG A 92 -1.90 5.61 31.60
C ARG A 92 -2.78 6.89 31.67
N HIS A 93 -2.79 7.55 32.82
CA HIS A 93 -3.60 8.75 33.02
C HIS A 93 -3.23 9.83 32.01
N LEU A 94 -1.99 9.79 31.50
CA LEU A 94 -1.57 10.84 30.55
C LEU A 94 -2.44 10.88 29.33
N LEU A 95 -3.20 9.80 29.08
CA LEU A 95 -4.02 9.77 27.87
C LEU A 95 -5.22 10.67 28.10
N GLY A 96 -5.68 10.72 29.35
CA GLY A 96 -6.75 11.61 29.71
C GLY A 96 -8.13 11.06 29.39
N ARG A 97 -8.19 9.77 29.09
CA ARG A 97 -9.46 9.09 28.86
C ARG A 97 -9.28 7.56 28.95
N SER A 98 -10.40 6.85 28.85
CA SER A 98 -10.38 5.41 28.99
C SER A 98 -10.50 4.85 27.59
N PRO A 99 -9.39 4.31 27.06
CA PRO A 99 -9.50 3.82 25.69
C PRO A 99 -10.30 2.51 25.63
N PRO A 100 -11.08 2.31 24.56
CA PRO A 100 -11.76 1.03 24.35
C PRO A 100 -10.76 -0.08 24.01
N ALA A 101 -11.16 -1.34 24.18
CA ALA A 101 -10.25 -2.46 23.96
C ALA A 101 -9.76 -2.53 22.51
N GLN A 102 -10.54 -1.97 21.57
CA GLN A 102 -10.16 -1.95 20.16
C GLN A 102 -9.14 -0.88 19.81
N GLU A 103 -8.87 0.02 20.75
CA GLU A 103 -7.92 1.07 20.42
C GLU A 103 -6.52 0.62 20.77
N ILE A 104 -5.57 0.88 19.88
CA ILE A 104 -4.18 0.55 20.18
C ILE A 104 -3.32 1.75 19.91
N PHE A 105 -2.03 1.65 20.17
CA PHE A 105 -1.15 2.81 20.01
C PHE A 105 0.10 2.52 19.19
N TRP A 106 0.40 3.43 18.29
CA TRP A 106 1.63 3.33 17.53
C TRP A 106 2.81 3.44 18.48
N TYR A 107 3.69 2.44 18.48
CA TYR A 107 4.77 2.47 19.43
C TYR A 107 5.95 3.18 18.81
N ASP A 108 6.22 4.39 19.28
CA ASP A 108 7.26 5.14 18.62
C ASP A 108 8.45 5.11 19.56
N CYS A 109 9.24 4.05 19.44
CA CYS A 109 10.48 3.86 20.17
C CYS A 109 11.24 2.71 19.51
N SER A 110 12.56 2.76 19.57
CA SER A 110 13.43 1.80 18.93
C SER A 110 13.96 0.76 19.88
N ASP A 111 13.55 0.80 21.14
CA ASP A 111 14.23 -0.03 22.14
C ASP A 111 13.89 -1.50 21.99
N TRP A 112 12.64 -1.82 21.67
CA TRP A 112 12.34 -3.23 21.41
C TRP A 112 12.75 -3.61 19.99
N ASP A 113 13.32 -4.81 19.87
CA ASP A 113 13.70 -5.33 18.57
C ASP A 113 12.46 -5.64 17.75
N ASN A 114 12.53 -5.35 16.47
CA ASN A 114 11.39 -5.50 15.57
C ASN A 114 11.34 -6.75 14.68
N LYS A 115 12.26 -7.69 14.88
CA LYS A 115 12.32 -8.87 14.00
C LYS A 115 11.54 -10.01 14.62
N ILE A 116 10.68 -10.65 13.84
CA ILE A 116 9.91 -11.76 14.36
C ILE A 116 10.02 -12.93 13.43
N ASN A 117 9.81 -14.14 13.94
CA ASN A 117 9.64 -15.30 13.06
C ASN A 117 8.21 -15.34 12.61
N VAL A 118 7.99 -15.60 11.32
CA VAL A 118 6.61 -15.57 10.78
C VAL A 118 5.72 -16.63 11.42
N GLU A 119 6.33 -17.65 12.04
CA GLU A 119 5.54 -18.66 12.73
C GLU A 119 4.86 -18.15 14.00
N THR A 120 5.24 -16.96 14.45
CA THR A 120 4.57 -16.32 15.58
C THR A 120 3.34 -15.56 15.15
N ILE A 121 3.12 -15.46 13.85
CA ILE A 121 1.95 -14.77 13.35
C ILE A 121 0.70 -15.63 13.49
N ILE A 122 -0.31 -15.07 14.12
CA ILE A 122 -1.60 -15.72 14.24
C ILE A 122 -2.38 -15.52 12.96
N GLY A 123 -2.30 -14.31 12.42
CA GLY A 123 -3.03 -13.98 11.20
C GLY A 123 -3.15 -12.48 10.98
N PRO A 124 -3.76 -12.09 9.86
CA PRO A 124 -3.93 -10.65 9.61
C PRO A 124 -4.91 -10.02 10.58
N VAL A 125 -4.79 -8.72 10.79
CA VAL A 125 -5.80 -7.98 11.53
C VAL A 125 -6.00 -6.67 10.80
N GLN A 126 -7.23 -6.20 10.75
CA GLN A 126 -7.45 -4.86 10.23
C GLN A 126 -7.15 -3.85 11.31
N VAL A 127 -6.28 -2.91 10.99
CA VAL A 127 -5.99 -1.78 11.89
C VAL A 127 -6.31 -0.53 11.09
N VAL A 128 -6.96 0.43 11.75
CA VAL A 128 -7.42 1.65 11.09
C VAL A 128 -7.03 2.90 11.85
N ALA A 129 -6.54 3.89 11.10
CA ALA A 129 -6.09 5.16 11.65
C ALA A 129 -7.24 6.13 11.72
N LEU A 130 -7.51 6.68 12.89
CA LEU A 130 -8.61 7.63 13.03
C LEU A 130 -8.05 8.96 13.43
N ALA A 131 -8.74 10.03 13.07
CA ALA A 131 -8.38 11.34 13.58
C ALA A 131 -8.71 11.31 15.07
N PRO A 132 -7.99 12.12 15.86
CA PRO A 132 -8.21 12.13 17.30
C PRO A 132 -9.69 12.32 17.65
N GLU A 133 -10.40 13.15 16.88
CA GLU A 133 -11.78 13.50 17.26
C GLU A 133 -12.80 12.54 16.68
N GLU A 134 -12.34 11.52 15.96
CA GLU A 134 -13.26 10.49 15.47
C GLU A 134 -13.61 9.53 16.59
N VAL A 135 -14.81 8.97 16.54
CA VAL A 135 -15.21 8.02 17.55
C VAL A 135 -15.02 6.62 17.00
N ILE A 136 -14.60 5.71 17.87
CA ILE A 136 -14.52 4.34 17.45
C ILE A 136 -15.92 3.78 17.34
N PRO A 137 -16.27 3.21 16.18
CA PRO A 137 -17.34 2.22 16.17
C PRO A 137 -16.82 0.89 16.76
N VAL A 138 -17.51 0.24 17.71
CA VAL A 138 -18.77 0.68 18.32
C VAL A 138 -19.93 0.65 17.35
N ASP A 139 -19.63 0.30 16.10
CA ASP A 139 -20.63 -0.15 15.16
C ASP A 139 -20.76 -1.64 15.37
N GLN A 140 -21.45 -2.29 14.46
CA GLN A 140 -21.60 -3.74 14.48
C GLN A 140 -20.63 -4.41 13.54
N LYS A 141 -20.85 -5.71 13.32
CA LYS A 141 -19.81 -6.66 12.92
C LYS A 141 -19.19 -7.27 14.16
N SER A 142 -19.60 -6.76 15.33
CA SER A 142 -18.94 -7.12 16.57
C SER A 142 -17.48 -7.07 16.21
N GLU A 143 -17.01 -5.88 15.84
CA GLU A 143 -15.82 -5.73 15.01
C GLU A 143 -14.55 -6.38 15.55
N GLU A 144 -13.81 -6.95 14.62
CA GLU A 144 -12.46 -7.46 14.89
C GLU A 144 -11.40 -6.42 14.48
N THR A 145 -11.86 -5.25 14.04
CA THR A 145 -10.97 -4.16 13.64
C THR A 145 -10.39 -3.45 14.88
N LEU A 146 -9.13 -3.04 14.79
CA LEU A 146 -8.49 -2.21 15.81
C LEU A 146 -8.23 -0.84 15.25
N PHE A 147 -8.24 0.16 16.11
CA PHE A 147 -8.14 1.53 15.66
C PHE A 147 -6.97 2.18 16.33
N VAL A 148 -6.29 3.06 15.62
CA VAL A 148 -5.18 3.78 16.20
C VAL A 148 -5.38 5.25 15.94
N LYS A 149 -5.14 6.03 16.98
CA LYS A 149 -5.31 7.48 17.04
C LYS A 149 -3.95 8.09 17.32
N LEU A 150 -3.28 7.52 18.33
CA LEU A 150 -2.06 8.08 18.92
C LEU A 150 -0.85 7.13 18.90
N SER A 151 0.33 7.71 19.05
CA SER A 151 1.56 7.01 19.31
C SER A 151 1.87 7.18 20.79
N TRP A 152 2.60 6.21 21.29
CA TRP A 152 3.12 6.19 22.64
C TRP A 152 4.63 6.01 22.55
N ASN A 153 5.38 6.95 23.14
CA ASN A 153 6.84 6.96 23.09
C ASN A 153 7.64 6.56 24.32
N LYS A 154 6.98 5.95 25.31
CA LYS A 154 7.53 5.67 26.66
C LYS A 154 7.37 6.86 27.61
N LYS A 155 7.09 8.03 27.06
CA LYS A 155 6.94 9.25 27.86
C LYS A 155 5.53 9.81 27.76
N ASP A 156 5.09 10.10 26.55
CA ASP A 156 3.74 10.62 26.39
C ASP A 156 3.03 10.06 25.20
N PHE A 157 1.73 10.31 25.17
CA PHE A 157 0.95 10.06 23.97
C PHE A 157 1.16 11.23 23.02
N ALA A 158 1.20 10.97 21.73
CA ALA A 158 1.50 12.02 20.77
C ALA A 158 0.77 11.66 19.50
N PRO A 159 0.82 12.55 18.50
CA PRO A 159 0.23 12.23 17.19
C PRO A 159 0.91 11.06 16.48
N LEU A 160 0.15 10.49 15.54
CA LEU A 160 0.67 9.53 14.60
C LEU A 160 1.73 10.20 13.74
N PRO A 161 2.92 9.59 13.66
CA PRO A 161 4.00 9.97 12.75
C PRO A 161 3.54 9.95 11.29
N PRO A 162 4.32 10.60 10.41
CA PRO A 162 4.07 10.62 8.95
C PRO A 162 4.39 9.28 8.30
N THR B 6 5.26 17.09 -2.27
CA THR B 6 4.22 17.24 -1.26
C THR B 6 2.80 17.33 -1.84
N PHE B 7 1.88 16.59 -1.24
CA PHE B 7 0.51 16.45 -1.73
C PHE B 7 -0.51 16.83 -0.66
N SER B 8 -1.53 17.58 -1.03
CA SER B 8 -2.59 17.94 -0.08
C SER B 8 -3.95 17.78 -0.74
N TRP B 9 -4.96 17.34 -0.01
CA TRP B 9 -6.27 17.25 -0.62
C TRP B 9 -6.81 18.65 -0.89
N VAL B 10 -7.67 18.75 -1.90
CA VAL B 10 -8.36 20.01 -2.21
C VAL B 10 -9.82 19.95 -1.78
N GLY B 11 -10.19 20.82 -0.84
CA GLY B 11 -11.60 20.95 -0.50
C GLY B 11 -12.13 19.78 0.32
N ARG B 12 -13.43 19.55 0.21
CA ARG B 12 -14.11 18.53 1.00
C ARG B 12 -14.13 17.17 0.29
N PRO B 13 -14.21 16.06 1.05
CA PRO B 13 -14.26 14.77 0.38
C PRO B 13 -15.58 14.58 -0.35
N LEU B 14 -15.61 13.59 -1.22
CA LEU B 14 -16.83 13.16 -1.89
C LEU B 14 -17.66 12.29 -0.94
N PRO B 15 -18.96 12.08 -1.24
CA PRO B 15 -19.79 11.26 -0.37
C PRO B 15 -19.16 9.91 -0.04
N ASN B 16 -19.27 9.48 1.22
CA ASN B 16 -18.62 8.24 1.62
C ASN B 16 -19.04 7.10 0.72
N ARG B 17 -18.03 6.38 0.21
CA ARG B 17 -18.27 5.21 -0.61
C ARG B 17 -17.79 3.99 0.16
N LYS B 18 -16.50 3.94 0.46
CA LYS B 18 -15.94 2.79 1.16
C LYS B 18 -15.63 3.19 2.60
N GLN B 19 -15.71 2.23 3.51
CA GLN B 19 -15.42 2.50 4.90
C GLN B 19 -13.92 2.67 5.10
N PHE B 20 -13.55 3.62 5.95
CA PHE B 20 -12.14 3.96 6.29
C PHE B 20 -11.37 4.53 5.11
N GLN B 21 -12.10 5.10 4.16
CA GLN B 21 -11.49 5.78 3.04
C GLN B 21 -12.29 7.03 2.75
N GLN B 22 -11.62 8.16 2.54
CA GLN B 22 -12.37 9.33 2.05
C GLN B 22 -11.90 9.61 0.63
N MET B 23 -12.84 9.81 -0.28
CA MET B 23 -12.53 10.06 -1.70
C MET B 23 -12.51 11.53 -2.03
N TYR B 24 -11.66 11.90 -2.98
CA TYR B 24 -11.53 13.31 -3.35
C TYR B 24 -11.59 13.43 -4.84
N ARG B 25 -12.22 14.48 -5.34
CA ARG B 25 -12.21 14.67 -6.77
C ARG B 25 -10.84 15.11 -7.23
N GLU B 26 -10.13 15.79 -6.33
CA GLU B 26 -8.92 16.55 -6.70
C GLU B 26 -7.80 16.45 -5.66
N ILE B 27 -6.56 16.64 -6.12
CA ILE B 27 -5.40 16.68 -5.23
C ILE B 27 -4.41 17.76 -5.66
N CYS B 28 -3.61 18.26 -4.72
CA CYS B 28 -2.71 19.38 -4.99
C CYS B 28 -1.25 18.97 -4.81
N MET B 29 -0.48 19.16 -5.87
CA MET B 29 0.92 18.72 -5.89
C MET B 29 1.86 19.92 -5.96
N LYS B 30 2.64 20.11 -4.91
CA LYS B 30 3.63 21.20 -4.89
C LYS B 30 4.99 20.63 -5.25
N ILE B 31 5.59 21.12 -6.33
CA ILE B 31 6.94 20.73 -6.71
C ILE B 31 7.96 21.67 -6.07
N ASN B 32 9.23 21.55 -6.46
CA ASN B 32 10.26 22.48 -6.00
C ASN B 32 9.87 23.89 -6.41
N ASP B 33 9.26 23.99 -7.60
CA ASP B 33 8.90 25.28 -8.16
C ASP B 33 8.12 26.09 -7.15
N GLY B 34 7.46 25.41 -6.21
CA GLY B 34 6.85 26.08 -5.08
C GLY B 34 5.44 26.54 -5.36
N SER B 35 5.10 26.71 -6.65
CA SER B 35 3.69 26.87 -6.99
C SER B 35 3.14 25.47 -7.22
N GLU B 36 1.85 25.37 -7.51
CA GLU B 36 1.15 24.12 -7.28
C GLU B 36 0.28 23.67 -8.45
N ILE B 37 0.32 22.37 -8.71
CA ILE B 37 -0.44 21.77 -9.81
C ILE B 37 -1.56 20.88 -9.25
N HIS B 38 -2.80 21.24 -9.60
CA HIS B 38 -3.95 20.42 -9.24
C HIS B 38 -4.13 19.28 -10.24
N ILE B 39 -4.42 18.08 -9.73
CA ILE B 39 -4.76 16.92 -10.55
C ILE B 39 -6.11 16.33 -10.12
N LYS B 40 -7.00 16.10 -11.07
CA LYS B 40 -8.34 15.61 -10.80
C LYS B 40 -8.60 14.19 -11.29
N VAL B 41 -9.53 13.51 -10.64
CA VAL B 41 -10.04 12.25 -11.14
C VAL B 41 -10.46 12.43 -12.60
N GLY B 42 -10.03 11.50 -13.45
CA GLY B 42 -10.38 11.58 -14.87
C GLY B 42 -9.26 12.13 -15.71
N GLN B 43 -8.30 12.80 -15.06
CA GLN B 43 -7.09 13.25 -15.73
C GLN B 43 -6.07 12.10 -15.69
N PHE B 44 -4.92 12.31 -16.33
CA PHE B 44 -3.97 11.23 -16.58
C PHE B 44 -2.68 11.69 -15.96
N VAL B 45 -1.91 10.74 -15.45
CA VAL B 45 -0.65 11.09 -14.84
C VAL B 45 0.45 10.16 -15.33
N LEU B 46 1.67 10.66 -15.17
CA LEU B 46 2.89 9.87 -15.27
C LEU B 46 3.27 9.34 -13.89
N ILE B 47 3.61 8.07 -13.83
CA ILE B 47 3.87 7.43 -12.55
C ILE B 47 5.28 6.83 -12.61
N GLN B 48 6.13 7.16 -11.64
CA GLN B 48 7.51 6.77 -11.69
C GLN B 48 7.58 5.25 -11.68
N GLY B 49 8.23 4.72 -12.71
CA GLY B 49 8.43 3.29 -12.90
C GLY B 49 9.87 2.88 -12.68
N GLU B 50 10.27 1.78 -13.32
CA GLU B 50 11.66 1.33 -13.26
C GLU B 50 12.63 2.48 -13.57
N ASP B 51 13.71 2.58 -12.78
CA ASP B 51 14.60 3.75 -12.77
C ASP B 51 15.17 4.21 -14.12
N ASN B 52 15.53 3.27 -14.99
CA ASN B 52 15.81 3.68 -16.34
C ASN B 52 14.72 3.09 -17.21
N LYS B 53 13.76 3.94 -17.55
CA LYS B 53 12.57 3.54 -18.28
C LYS B 53 11.56 4.70 -18.33
N LYS B 54 10.59 4.63 -19.24
CA LYS B 54 9.57 5.69 -19.32
C LYS B 54 8.54 5.54 -18.20
N PRO B 55 8.04 6.66 -17.68
CA PRO B 55 7.04 6.50 -16.63
C PRO B 55 5.86 5.67 -17.10
N TYR B 56 5.13 5.09 -16.17
CA TYR B 56 3.86 4.49 -16.48
C TYR B 56 2.88 5.62 -16.76
N VAL B 57 1.86 5.34 -17.54
CA VAL B 57 0.81 6.33 -17.78
C VAL B 57 -0.48 5.72 -17.30
N ALA B 58 -1.27 6.47 -16.53
CA ALA B 58 -2.54 5.94 -16.08
C ALA B 58 -3.58 7.06 -16.05
N LYS B 59 -4.85 6.71 -16.17
CA LYS B 59 -5.96 7.66 -15.90
C LYS B 59 -6.31 7.50 -14.42
N LEU B 60 -6.47 8.60 -13.69
CA LEU B 60 -6.87 8.53 -12.28
C LEU B 60 -8.36 8.27 -12.25
N ILE B 61 -8.76 7.14 -11.70
CA ILE B 61 -10.19 6.92 -11.57
C ILE B 61 -10.74 7.13 -10.14
N GLU B 62 -9.83 7.27 -9.18
CA GLU B 62 -10.20 7.58 -7.81
C GLU B 62 -9.03 8.23 -7.19
N LEU B 63 -9.27 9.13 -6.25
CA LEU B 63 -8.23 9.60 -5.32
C LEU B 63 -8.80 9.39 -3.95
N PHE B 64 -8.01 8.85 -3.01
CA PHE B 64 -8.55 8.63 -1.69
C PHE B 64 -7.51 8.61 -0.59
N GLN B 65 -7.98 8.91 0.62
CA GLN B 65 -7.20 8.75 1.85
C GLN B 65 -7.52 7.35 2.33
N ASN B 66 -6.50 6.50 2.40
CA ASN B 66 -6.69 5.11 2.79
C ASN B 66 -6.49 5.00 4.31
N GLY B 67 -7.60 4.87 5.05
CA GLY B 67 -7.55 4.86 6.50
C GLY B 67 -7.06 3.51 7.02
N ALA B 68 -7.11 2.53 6.13
CA ALA B 68 -6.64 1.15 6.35
C ALA B 68 -5.12 1.00 6.22
N GLU B 69 -4.46 2.08 5.83
CA GLU B 69 -3.02 2.15 5.94
C GLU B 69 -2.72 2.97 7.20
N VAL B 70 -1.73 2.55 7.97
CA VAL B 70 -1.25 3.32 9.12
C VAL B 70 0.23 3.62 9.01
N PRO B 71 0.63 4.89 8.99
CA PRO B 71 -0.16 6.12 9.03
C PRO B 71 -0.91 6.18 7.71
N PRO B 72 -2.03 6.89 7.71
CA PRO B 72 -2.84 6.97 6.50
C PRO B 72 -2.04 7.48 5.32
N LYS B 73 -2.43 7.00 4.17
CA LYS B 73 -1.71 7.31 2.95
C LYS B 73 -2.69 7.93 1.98
N LYS B 74 -2.19 8.80 1.11
CA LYS B 74 -2.96 9.30 0.00
C LYS B 74 -2.76 8.36 -1.19
N CYS B 75 -3.87 7.86 -1.70
CA CYS B 75 -3.84 6.85 -2.75
C CYS B 75 -4.65 7.28 -3.94
N ALA B 76 -4.40 6.60 -5.05
CA ALA B 76 -5.16 6.71 -6.29
C ALA B 76 -5.51 5.30 -6.76
N ARG B 77 -6.61 5.17 -7.48
CA ARG B 77 -6.86 3.94 -8.17
C ARG B 77 -6.81 4.40 -9.62
N VAL B 78 -6.20 3.61 -10.48
CA VAL B 78 -5.93 4.03 -11.82
C VAL B 78 -6.50 3.04 -12.83
N GLN B 79 -6.70 3.52 -14.05
CA GLN B 79 -6.86 2.67 -15.22
C GLN B 79 -5.53 2.73 -15.91
N TRP B 80 -4.84 1.60 -16.00
CA TRP B 80 -3.51 1.59 -16.62
C TRP B 80 -3.54 1.69 -18.12
N PHE B 81 -2.53 2.33 -18.68
CA PHE B 81 -2.30 2.20 -20.08
C PHE B 81 -1.01 1.42 -20.13
N VAL B 82 -0.61 1.04 -21.32
CA VAL B 82 0.67 0.40 -21.54
C VAL B 82 1.29 1.00 -22.76
N ARG B 83 2.58 1.23 -22.67
CA ARG B 83 3.37 1.62 -23.84
C ARG B 83 3.66 0.43 -24.79
N PHE B 84 3.98 0.77 -26.03
CA PHE B 84 4.21 -0.29 -27.02
C PHE B 84 5.25 -1.32 -26.55
N LEU B 85 6.35 -0.88 -25.95
CA LEU B 85 7.38 -1.83 -25.44
C LEU B 85 6.97 -2.63 -24.20
N GLU B 86 5.89 -2.22 -23.53
CA GLU B 86 5.35 -2.99 -22.43
C GLU B 86 4.65 -4.24 -22.97
N ILE B 87 4.33 -4.22 -24.27
CA ILE B 87 3.64 -5.34 -24.89
C ILE B 87 4.63 -6.44 -25.34
N PRO B 88 4.32 -7.71 -25.04
CA PRO B 88 5.29 -8.76 -25.40
C PRO B 88 5.70 -8.62 -26.85
N VAL B 89 7.01 -8.64 -27.08
CA VAL B 89 7.57 -8.43 -28.42
C VAL B 89 6.89 -9.32 -29.45
N SER B 90 6.48 -10.52 -29.04
CA SER B 90 5.94 -11.50 -29.99
C SER B 90 4.51 -11.13 -30.41
N LYS B 91 3.87 -10.29 -29.61
CA LYS B 91 2.50 -9.82 -29.88
C LYS B 91 2.43 -8.49 -30.61
N ARG B 92 3.56 -7.80 -30.71
CA ARG B 92 3.57 -6.47 -31.30
C ARG B 92 3.07 -6.47 -32.75
N HIS B 93 3.47 -7.46 -33.54
CA HIS B 93 3.05 -7.53 -34.94
C HIS B 93 1.53 -7.49 -35.10
N LEU B 94 0.80 -7.92 -34.05
CA LEU B 94 -0.66 -8.04 -34.11
C LEU B 94 -1.36 -6.74 -34.35
N LEU B 95 -0.64 -5.64 -34.15
CA LEU B 95 -1.23 -4.32 -34.30
C LEU B 95 -1.29 -4.00 -35.78
N GLY B 96 -0.29 -4.49 -36.52
CA GLY B 96 -0.31 -4.35 -37.96
C GLY B 96 0.48 -3.14 -38.44
N ARG B 97 1.07 -2.39 -37.50
CA ARG B 97 1.79 -1.17 -37.85
C ARG B 97 2.74 -0.75 -36.74
N SER B 98 3.51 0.31 -36.98
CA SER B 98 4.51 0.74 -36.01
C SER B 98 4.04 2.05 -35.39
N PRO B 99 3.61 1.98 -34.12
CA PRO B 99 3.14 3.18 -33.43
C PRO B 99 4.27 4.15 -33.12
N PRO B 100 4.01 5.46 -33.26
CA PRO B 100 4.88 6.55 -32.80
C PRO B 100 5.02 6.54 -31.28
N ALA B 101 6.00 7.26 -30.75
CA ALA B 101 6.30 7.26 -29.31
C ALA B 101 5.12 7.79 -28.52
N GLN B 102 4.32 8.65 -29.16
CA GLN B 102 3.22 9.31 -28.51
C GLN B 102 1.97 8.43 -28.30
N GLU B 103 1.92 7.28 -28.95
CA GLU B 103 0.72 6.45 -28.88
C GLU B 103 0.86 5.39 -27.80
N ILE B 104 -0.17 5.28 -26.96
CA ILE B 104 -0.17 4.28 -25.92
C ILE B 104 -1.45 3.48 -26.04
N PHE B 105 -1.62 2.49 -25.18
CA PHE B 105 -2.72 1.57 -25.31
C PHE B 105 -3.47 1.44 -24.01
N TRP B 106 -4.78 1.39 -24.09
CA TRP B 106 -5.63 1.24 -22.93
C TRP B 106 -5.46 -0.21 -22.51
N TYR B 107 -5.09 -0.42 -21.25
CA TYR B 107 -4.73 -1.76 -20.84
C TYR B 107 -5.96 -2.43 -20.27
N ASP B 108 -6.55 -3.35 -21.02
CA ASP B 108 -7.82 -3.88 -20.62
C ASP B 108 -7.62 -5.26 -20.00
N CYS B 109 -7.38 -5.27 -18.70
CA CYS B 109 -7.21 -6.50 -17.95
C CYS B 109 -7.31 -6.16 -16.47
N SER B 110 -7.74 -7.10 -15.63
CA SER B 110 -7.89 -6.89 -14.19
C SER B 110 -6.68 -7.44 -13.41
N ASP B 111 -5.69 -7.94 -14.14
CA ASP B 111 -4.64 -8.72 -13.47
C ASP B 111 -3.62 -7.86 -12.73
N TRP B 112 -3.24 -6.72 -13.29
CA TRP B 112 -2.42 -5.79 -12.50
C TRP B 112 -3.29 -4.99 -11.55
N ASP B 113 -2.89 -4.96 -10.29
CA ASP B 113 -3.57 -4.14 -9.31
C ASP B 113 -3.49 -2.63 -9.67
N ASN B 114 -4.60 -1.93 -9.48
CA ASN B 114 -4.73 -0.54 -9.93
C ASN B 114 -4.54 0.55 -8.83
N LYS B 115 -4.14 0.16 -7.63
CA LYS B 115 -3.90 1.11 -6.53
C LYS B 115 -2.46 1.61 -6.46
N ILE B 116 -2.31 2.92 -6.43
CA ILE B 116 -1.00 3.52 -6.28
C ILE B 116 -0.99 4.50 -5.13
N ASN B 117 0.21 4.74 -4.62
CA ASN B 117 0.42 5.83 -3.70
C ASN B 117 0.68 7.12 -4.49
N VAL B 118 -0.02 8.20 -4.17
CA VAL B 118 0.09 9.44 -4.98
C VAL B 118 1.51 9.96 -5.07
N GLU B 119 2.33 9.61 -4.09
CA GLU B 119 3.70 10.06 -4.07
C GLU B 119 4.54 9.44 -5.20
N THR B 120 3.98 8.42 -5.87
CA THR B 120 4.62 7.89 -7.07
C THR B 120 4.27 8.68 -8.33
N ILE B 121 3.42 9.69 -8.20
CA ILE B 121 3.04 10.51 -9.35
C ILE B 121 4.13 11.51 -9.70
N ILE B 122 4.53 11.54 -10.95
CA ILE B 122 5.47 12.53 -11.40
C ILE B 122 4.72 13.84 -11.66
N GLY B 123 3.57 13.72 -12.31
CA GLY B 123 2.75 14.87 -12.64
C GLY B 123 1.72 14.49 -13.68
N PRO B 124 0.90 15.46 -14.13
CA PRO B 124 -0.13 15.20 -15.14
C PRO B 124 0.42 15.03 -16.57
N VAL B 125 -0.32 14.31 -17.40
CA VAL B 125 0.03 14.25 -18.81
C VAL B 125 -1.27 14.31 -19.57
N GLN B 126 -1.23 14.93 -20.74
CA GLN B 126 -2.41 14.99 -21.59
C GLN B 126 -2.46 13.72 -22.42
N VAL B 127 -3.57 12.98 -22.32
CA VAL B 127 -3.80 11.81 -23.13
C VAL B 127 -5.09 12.05 -23.92
N VAL B 128 -5.03 11.87 -25.23
CA VAL B 128 -6.16 12.21 -26.10
C VAL B 128 -6.59 10.97 -26.87
N ALA B 129 -7.89 10.70 -26.90
CA ALA B 129 -8.45 9.56 -27.65
C ALA B 129 -8.64 9.92 -29.10
N LEU B 130 -8.15 9.06 -30.00
CA LEU B 130 -8.26 9.31 -31.43
C LEU B 130 -9.01 8.16 -32.05
N ALA B 131 -9.78 8.45 -33.09
CA ALA B 131 -10.43 7.38 -33.86
C ALA B 131 -9.34 6.57 -34.56
N PRO B 132 -9.56 5.25 -34.70
CA PRO B 132 -8.50 4.43 -35.29
C PRO B 132 -8.05 5.04 -36.60
N GLU B 133 -9.02 5.47 -37.42
CA GLU B 133 -8.74 6.07 -38.73
C GLU B 133 -8.05 7.43 -38.62
N GLU B 134 -8.08 8.02 -37.42
CA GLU B 134 -7.51 9.36 -37.21
C GLU B 134 -5.98 9.35 -37.23
N VAL B 135 -5.37 10.51 -37.04
CA VAL B 135 -3.93 10.68 -37.14
C VAL B 135 -3.43 11.70 -36.14
N ILE B 136 -2.15 11.61 -35.80
CA ILE B 136 -1.59 12.37 -34.68
C ILE B 136 -1.30 13.84 -35.04
N PRO B 137 -1.94 14.77 -34.33
CA PRO B 137 -1.72 16.22 -34.51
C PRO B 137 -0.24 16.58 -34.51
N GLU B 143 5.74 16.15 -28.93
CA GLU B 143 5.14 17.13 -28.01
C GLU B 143 4.82 16.49 -26.65
N GLU B 144 4.25 17.28 -25.74
CA GLU B 144 3.84 16.76 -24.45
C GLU B 144 2.89 15.56 -24.58
N THR B 145 2.01 15.63 -25.59
CA THR B 145 0.76 14.85 -25.64
C THR B 145 0.86 13.39 -26.10
N LEU B 146 0.12 12.53 -25.40
CA LEU B 146 0.05 11.11 -25.69
C LEU B 146 -1.30 10.86 -26.28
N PHE B 147 -1.39 9.85 -27.15
CA PHE B 147 -2.64 9.54 -27.87
C PHE B 147 -2.99 8.09 -27.71
N VAL B 148 -4.28 7.79 -27.72
CA VAL B 148 -4.73 6.41 -27.61
C VAL B 148 -5.83 6.16 -28.59
N LYS B 149 -5.73 5.00 -29.20
CA LYS B 149 -6.64 4.55 -30.26
C LYS B 149 -7.28 3.26 -29.81
N LEU B 150 -6.45 2.35 -29.31
CA LEU B 150 -6.84 0.98 -29.03
C LEU B 150 -6.53 0.54 -27.61
N SER B 151 -7.10 -0.59 -27.24
CA SER B 151 -6.78 -1.24 -25.99
C SER B 151 -5.98 -2.50 -26.31
N TRP B 152 -5.18 -2.91 -25.33
CA TRP B 152 -4.47 -4.17 -25.35
C TRP B 152 -4.93 -5.02 -24.17
N ASN B 153 -5.38 -6.23 -24.48
CA ASN B 153 -5.95 -7.15 -23.50
C ASN B 153 -5.07 -8.33 -23.07
N LYS B 154 -3.79 -8.29 -23.42
CA LYS B 154 -2.82 -9.40 -23.27
C LYS B 154 -2.80 -10.41 -24.41
N LYS B 155 -3.84 -10.36 -25.23
CA LYS B 155 -4.12 -11.33 -26.27
C LYS B 155 -4.09 -10.64 -27.62
N ASP B 156 -4.89 -9.58 -27.74
CA ASP B 156 -5.00 -8.86 -29.00
C ASP B 156 -5.22 -7.38 -28.75
N PHE B 157 -5.01 -6.58 -29.78
CA PHE B 157 -5.47 -5.18 -29.77
C PHE B 157 -6.96 -5.16 -30.11
N ALA B 158 -7.71 -4.27 -29.49
CA ALA B 158 -9.15 -4.23 -29.71
C ALA B 158 -9.58 -2.80 -29.50
N PRO B 159 -10.86 -2.48 -29.75
CA PRO B 159 -11.25 -1.08 -29.64
C PRO B 159 -11.28 -0.62 -28.19
N LEU B 160 -11.19 0.68 -27.96
CA LEU B 160 -11.43 1.24 -26.64
C LEU B 160 -12.80 0.81 -26.13
N PRO B 161 -12.93 0.58 -24.82
CA PRO B 161 -14.24 0.45 -24.17
C PRO B 161 -15.06 1.72 -24.36
N PRO B 162 -16.38 1.66 -24.14
CA PRO B 162 -17.23 2.86 -24.12
C PRO B 162 -17.23 3.56 -22.77
N GLY C 1 -0.98 -24.01 15.40
CA GLY C 1 -0.82 -23.13 16.53
C GLY C 1 0.34 -22.15 16.36
N ALA C 2 0.10 -20.87 16.68
CA ALA C 2 1.12 -19.85 16.47
C ALA C 2 2.22 -19.96 17.53
N LYS C 3 3.47 -19.96 17.10
CA LYS C 3 4.56 -19.94 18.06
C LYS C 3 4.61 -18.62 18.80
N ARG C 4 5.21 -18.64 19.98
CA ARG C 4 5.24 -17.48 20.86
C ARG C 4 6.42 -16.59 20.51
N HIS C 5 6.13 -15.30 20.36
CA HIS C 5 7.20 -14.34 20.17
C HIS C 5 7.49 -13.68 21.49
N ARG C 6 8.76 -13.65 21.84
CA ARG C 6 9.17 -12.95 23.06
C ARG C 6 9.83 -11.65 22.63
N MLY C 7 9.23 -10.50 22.99
CA MLY C 7 9.87 -9.23 22.65
CB MLY C 7 9.00 -8.04 23.04
CG MLY C 7 7.92 -7.71 22.06
CD MLY C 7 7.29 -6.40 22.50
CE MLY C 7 6.09 -6.08 21.71
NZ MLY C 7 5.51 -4.83 22.30
CH1 MLY C 7 6.51 -3.77 22.04
CH2 MLY C 7 4.34 -4.57 21.46
C MLY C 7 11.20 -9.12 23.36
O MLY C 7 11.25 -9.38 24.57
N VAL C 8 12.21 -8.54 22.71
CA VAL C 8 13.54 -8.42 23.29
C VAL C 8 14.07 -7.05 22.93
N LEU C 9 15.01 -6.55 23.73
CA LEU C 9 15.47 -5.17 23.62
C LEU C 9 16.54 -4.96 22.57
N ARG C 10 17.14 -3.77 22.63
CA ARG C 10 18.20 -3.32 21.73
C ARG C 10 17.75 -3.34 20.28
N ASP C 11 18.68 -3.69 19.39
CA ASP C 11 18.36 -3.77 17.98
C ASP C 11 17.51 -2.57 17.51
N ASN C 12 17.97 -1.36 17.85
CA ASN C 12 17.31 -0.13 17.42
C ASN C 12 17.58 0.20 15.95
N GLY D 1 12.19 12.68 -7.75
CA GLY D 1 11.22 13.25 -6.85
C GLY D 1 10.08 12.30 -6.56
N ALA D 2 9.53 11.70 -7.63
CA ALA D 2 8.43 10.75 -7.50
C ALA D 2 8.95 9.35 -7.13
N LYS D 3 8.35 8.75 -6.11
CA LYS D 3 8.71 7.39 -5.72
C LYS D 3 8.30 6.40 -6.80
N ARG D 4 8.93 5.23 -6.75
CA ARG D 4 8.65 4.16 -7.70
C ARG D 4 7.38 3.46 -7.29
N HIS D 5 6.49 3.26 -8.26
CA HIS D 5 5.40 2.32 -8.06
C HIS D 5 5.79 1.01 -8.72
N ARG D 6 5.86 -0.07 -7.96
CA ARG D 6 6.04 -1.38 -8.59
C ARG D 6 4.67 -1.97 -8.86
N MLY D 7 4.33 -2.21 -10.12
CA MLY D 7 3.05 -2.80 -10.45
CB MLY D 7 2.79 -2.81 -11.97
CG MLY D 7 2.85 -1.43 -12.64
CD MLY D 7 2.78 -1.55 -14.17
CE MLY D 7 1.36 -1.54 -14.67
NZ MLY D 7 1.30 -1.74 -16.15
CH1 MLY D 7 -0.02 -2.38 -16.36
CH2 MLY D 7 1.29 -0.39 -16.75
C MLY D 7 3.03 -4.22 -9.90
O MLY D 7 4.04 -4.93 -10.02
N VAL D 8 1.91 -4.62 -9.31
CA VAL D 8 1.80 -5.90 -8.68
C VAL D 8 0.54 -6.55 -9.18
N LEU D 9 0.49 -7.88 -9.18
CA LEU D 9 -0.70 -8.57 -9.64
C LEU D 9 -1.85 -8.56 -8.63
N ARG D 10 -3.07 -8.50 -9.17
CA ARG D 10 -4.29 -9.00 -8.50
C ARG D 10 -5.42 -7.98 -8.30
#